data_3D90
#
_entry.id   3D90
#
_cell.length_a   58.870
_cell.length_b   65.310
_cell.length_c   70.620
_cell.angle_alpha   90.00
_cell.angle_beta   96.01
_cell.angle_gamma   90.00
#
_symmetry.space_group_name_H-M   'P 1 21 1'
#
loop_
_entity.id
_entity.type
_entity.pdbx_description
1 polymer 'Progesterone receptor'
2 non-polymer 13-BETA-ETHYL-17-ALPHA-ETHYNYL-17-BETA-HYDROXYGON-4-EN-3-ONE
3 water water
#
_entity_poly.entity_id   1
_entity_poly.type   'polypeptide(L)'
_entity_poly.pdbx_seq_one_letter_code
;SPGQDIQLIPPLINLLMSIEPDVIYAGHDNTKPDTSSSLLTSLNQLGERQLLSVVKWSKSLPGFRNLHIDDQITLIQYSW
MSLMVFGLGWRSYKHVSGQMLYFAPDLILNEQRMKESSFYSLCLTMWQIPQEFVKLQVSQEEFLCMKVLLLLNTIPLEGL
RSQTQFEEMRSSYIRELIKAIGLRQKGVVSSSQRFYQLTKLLDNLHDLVKQLHLYCLNTFIQSRALSVEFPEMMSEVIAA
QLPKILAGMVKPLLFHKK
;
_entity_poly.pdbx_strand_id   A,B
#
# COMPACT_ATOMS: atom_id res chain seq x y z
N GLN A 7 -4.63 12.94 -42.85
CA GLN A 7 -5.63 13.65 -43.71
C GLN A 7 -6.10 14.94 -43.02
N LEU A 8 -7.38 14.96 -42.64
CA LEU A 8 -7.97 16.10 -41.95
C LEU A 8 -7.63 15.97 -40.47
N ILE A 9 -6.87 14.93 -40.14
CA ILE A 9 -6.47 14.69 -38.76
C ILE A 9 -5.18 15.41 -38.40
N PRO A 10 -5.16 16.08 -37.23
CA PRO A 10 -3.99 16.83 -36.76
C PRO A 10 -2.69 16.00 -36.78
N PRO A 11 -1.57 16.64 -37.11
CA PRO A 11 -0.23 16.04 -37.19
C PRO A 11 0.21 15.19 -36.00
N LEU A 12 0.04 15.70 -34.78
CA LEU A 12 0.45 14.95 -33.59
C LEU A 12 -0.30 13.64 -33.41
N ILE A 13 -1.60 13.66 -33.75
CA ILE A 13 -2.45 12.48 -33.65
C ILE A 13 -1.96 11.47 -34.69
N ASN A 14 -1.53 11.96 -35.85
CA ASN A 14 -1.01 11.11 -36.90
C ASN A 14 0.33 10.51 -36.44
N LEU A 15 1.14 11.32 -35.76
CA LEU A 15 2.42 10.82 -35.26
C LEU A 15 2.14 9.74 -34.22
N LEU A 16 1.23 10.02 -33.29
CA LEU A 16 0.89 9.05 -32.25
C LEU A 16 0.53 7.69 -32.85
N MET A 17 -0.23 7.72 -33.94
CA MET A 17 -0.64 6.50 -34.62
C MET A 17 0.56 5.77 -35.25
N SER A 18 1.51 6.53 -35.78
CA SER A 18 2.67 5.95 -36.41
C SER A 18 3.64 5.30 -35.42
N ILE A 19 3.63 5.77 -34.18
CA ILE A 19 4.53 5.21 -33.18
C ILE A 19 3.87 4.13 -32.29
N GLU A 20 2.62 3.78 -32.61
CA GLU A 20 1.94 2.74 -31.85
C GLU A 20 2.60 1.43 -32.24
N PRO A 21 2.90 0.57 -31.26
CA PRO A 21 3.54 -0.70 -31.56
C PRO A 21 2.63 -1.73 -32.23
N ASP A 22 3.25 -2.72 -32.87
CA ASP A 22 2.52 -3.80 -33.52
C ASP A 22 1.93 -4.65 -32.40
N VAL A 23 0.91 -5.45 -32.70
CA VAL A 23 0.28 -6.27 -31.68
C VAL A 23 1.29 -7.23 -31.06
N ILE A 24 1.26 -7.34 -29.73
CA ILE A 24 2.17 -8.21 -29.02
C ILE A 24 1.53 -9.52 -28.57
N TYR A 25 2.22 -10.62 -28.86
CA TYR A 25 1.77 -11.95 -28.48
C TYR A 25 2.29 -12.31 -27.10
N ALA A 26 1.53 -13.13 -26.37
CA ALA A 26 1.96 -13.52 -25.04
C ALA A 26 2.84 -14.78 -25.09
N GLY A 27 2.61 -15.64 -26.07
CA GLY A 27 3.39 -16.86 -26.19
C GLY A 27 2.71 -18.06 -25.55
N HIS A 28 1.46 -17.87 -25.13
CA HIS A 28 0.66 -18.91 -24.49
C HIS A 28 0.56 -20.19 -25.35
N ASP A 29 0.26 -21.32 -24.69
CA ASP A 29 0.14 -22.62 -25.37
C ASP A 29 -1.27 -23.01 -25.82
N ASN A 30 -2.02 -23.65 -24.93
CA ASN A 30 -3.38 -24.11 -25.21
C ASN A 30 -3.49 -24.84 -26.55
N PRO A 33 -4.72 -25.80 -21.63
CA PRO A 33 -4.33 -26.56 -20.48
C PRO A 33 -4.16 -25.58 -19.37
N ASP A 34 -5.00 -24.55 -19.44
CA ASP A 34 -4.89 -23.43 -18.53
C ASP A 34 -5.18 -23.54 -17.04
N THR A 35 -4.10 -23.59 -16.27
CA THR A 35 -4.21 -23.64 -14.81
C THR A 35 -4.12 -22.18 -14.39
N SER A 36 -4.40 -21.89 -13.13
CA SER A 36 -4.31 -20.50 -12.68
C SER A 36 -2.86 -20.04 -12.74
N SER A 37 -1.95 -20.97 -12.48
CA SER A 37 -0.52 -20.67 -12.48
C SER A 37 0.03 -20.41 -13.86
N SER A 38 -0.34 -21.25 -14.82
CA SER A 38 0.13 -21.09 -16.20
C SER A 38 -0.53 -19.89 -16.86
N LEU A 39 -1.65 -19.45 -16.31
CA LEU A 39 -2.34 -18.30 -16.88
C LEU A 39 -1.70 -17.02 -16.38
N LEU A 40 -1.42 -16.96 -15.08
CA LEU A 40 -0.79 -15.78 -14.48
C LEU A 40 0.61 -15.57 -15.02
N THR A 41 1.34 -16.66 -15.21
CA THR A 41 2.69 -16.57 -15.74
C THR A 41 2.66 -16.00 -17.16
N SER A 42 1.70 -16.44 -17.96
CA SER A 42 1.57 -15.95 -19.34
C SER A 42 1.24 -14.46 -19.33
N LEU A 43 0.47 -14.03 -18.34
CA LEU A 43 0.10 -12.63 -18.25
C LEU A 43 1.29 -11.76 -17.82
N ASN A 44 2.16 -12.32 -16.98
CA ASN A 44 3.36 -11.59 -16.56
C ASN A 44 4.34 -11.49 -17.73
N GLN A 45 4.39 -12.53 -18.56
CA GLN A 45 5.27 -12.57 -19.73
C GLN A 45 4.85 -11.52 -20.75
N LEU A 46 3.54 -11.43 -20.99
CA LEU A 46 2.97 -10.47 -21.92
C LEU A 46 3.25 -9.08 -21.36
N GLY A 47 3.14 -8.94 -20.04
CA GLY A 47 3.41 -7.67 -19.40
C GLY A 47 4.86 -7.29 -19.59
N GLU A 48 5.77 -8.25 -19.42
CA GLU A 48 7.21 -7.99 -19.58
C GLU A 48 7.41 -7.45 -20.99
N ARG A 49 6.76 -8.08 -21.97
CA ARG A 49 6.88 -7.66 -23.35
C ARG A 49 6.25 -6.30 -23.58
N GLN A 50 5.17 -6.01 -22.89
CA GLN A 50 4.52 -4.73 -23.08
C GLN A 50 5.34 -3.60 -22.46
N LEU A 51 6.00 -3.90 -21.35
CA LEU A 51 6.84 -2.91 -20.67
C LEU A 51 7.95 -2.46 -21.63
N LEU A 52 8.53 -3.42 -22.34
CA LEU A 52 9.58 -3.13 -23.29
C LEU A 52 9.05 -2.17 -24.36
N SER A 53 7.85 -2.47 -24.88
CA SER A 53 7.24 -1.65 -25.91
C SER A 53 6.90 -0.25 -25.40
N VAL A 54 6.46 -0.15 -24.16
CA VAL A 54 6.14 1.14 -23.59
C VAL A 54 7.39 2.03 -23.59
N VAL A 55 8.48 1.50 -23.04
CA VAL A 55 9.73 2.23 -22.97
C VAL A 55 10.22 2.67 -24.35
N LYS A 56 10.24 1.75 -25.31
CA LYS A 56 10.67 2.10 -26.65
C LYS A 56 9.76 3.16 -27.25
N TRP A 57 8.46 3.07 -26.91
CA TRP A 57 7.46 4.03 -27.38
C TRP A 57 7.70 5.42 -26.80
N SER A 58 7.92 5.49 -25.50
CA SER A 58 8.15 6.79 -24.86
C SER A 58 9.31 7.56 -25.48
N LYS A 59 10.23 6.84 -26.11
CA LYS A 59 11.39 7.48 -26.74
C LYS A 59 11.08 8.21 -28.04
N SER A 60 9.93 7.93 -28.64
CA SER A 60 9.53 8.58 -29.88
C SER A 60 8.38 9.55 -29.57
N LEU A 61 7.86 9.46 -28.35
CA LEU A 61 6.75 10.31 -27.94
C LEU A 61 7.19 11.76 -27.88
N PRO A 62 6.70 12.59 -28.82
CA PRO A 62 7.10 14.00 -28.82
C PRO A 62 7.08 14.65 -27.44
N GLY A 63 8.21 15.27 -27.09
CA GLY A 63 8.33 15.94 -25.80
C GLY A 63 8.87 15.12 -24.63
N PHE A 64 8.66 13.81 -24.64
CA PHE A 64 9.10 12.97 -23.53
C PHE A 64 10.61 12.95 -23.25
N ARG A 65 11.42 12.69 -24.27
CA ARG A 65 12.87 12.63 -24.11
C ARG A 65 13.47 13.95 -23.65
N ASN A 66 12.64 15.00 -23.59
CA ASN A 66 13.15 16.29 -23.18
C ASN A 66 12.98 16.59 -21.69
N LEU A 67 12.45 15.60 -20.97
CA LEU A 67 12.27 15.73 -19.53
C LEU A 67 13.49 15.01 -18.95
N HIS A 68 13.80 15.30 -17.68
CA HIS A 68 14.93 14.67 -17.00
C HIS A 68 14.82 13.14 -17.14
N ILE A 69 15.95 12.46 -17.17
CA ILE A 69 15.93 11.00 -17.27
C ILE A 69 15.21 10.40 -16.06
N ASP A 70 15.42 11.00 -14.89
CA ASP A 70 14.79 10.51 -13.67
C ASP A 70 13.27 10.58 -13.83
N ASP A 71 12.80 11.69 -14.37
CA ASP A 71 11.40 11.93 -14.60
C ASP A 71 10.80 10.94 -15.59
N GLN A 72 11.52 10.69 -16.68
CA GLN A 72 11.04 9.74 -17.66
C GLN A 72 10.85 8.39 -16.97
N ILE A 73 11.83 7.98 -16.18
CA ILE A 73 11.77 6.70 -15.48
C ILE A 73 10.62 6.61 -14.48
N THR A 74 10.41 7.68 -13.71
CA THR A 74 9.36 7.75 -12.70
C THR A 74 7.96 7.67 -13.33
N LEU A 75 7.74 8.43 -14.38
CA LEU A 75 6.44 8.43 -15.04
C LEU A 75 6.16 7.07 -15.65
N ILE A 76 7.17 6.43 -16.25
CA ILE A 76 6.94 5.11 -16.82
C ILE A 76 6.60 4.12 -15.70
N GLN A 77 7.45 4.02 -14.69
CA GLN A 77 7.19 3.09 -13.59
C GLN A 77 5.89 3.34 -12.82
N TYR A 78 5.41 4.59 -12.84
CA TYR A 78 4.17 4.97 -12.16
C TYR A 78 2.95 4.57 -13.00
N SER A 79 3.10 4.62 -14.33
CA SER A 79 1.98 4.35 -15.21
C SER A 79 1.87 3.08 -16.04
N TRP A 80 2.85 2.19 -15.99
CA TRP A 80 2.78 0.97 -16.79
C TRP A 80 1.45 0.21 -16.68
N MET A 81 0.95 0.07 -15.46
CA MET A 81 -0.28 -0.67 -15.19
C MET A 81 -1.49 -0.04 -15.89
N SER A 82 -1.71 1.25 -15.64
CA SER A 82 -2.82 1.99 -16.23
C SER A 82 -2.74 1.89 -17.75
N LEU A 83 -1.53 1.97 -18.28
CA LEU A 83 -1.32 1.91 -19.72
C LEU A 83 -1.69 0.55 -20.29
N MET A 84 -1.30 -0.52 -19.60
CA MET A 84 -1.59 -1.88 -20.05
C MET A 84 -3.07 -2.27 -19.99
N VAL A 85 -3.79 -1.75 -19.00
CA VAL A 85 -5.21 -2.06 -18.87
C VAL A 85 -6.04 -1.18 -19.80
N PHE A 86 -5.52 0.01 -20.09
CA PHE A 86 -6.20 0.95 -20.96
C PHE A 86 -6.11 0.45 -22.41
N GLY A 87 -4.97 -0.14 -22.73
CA GLY A 87 -4.80 -0.68 -24.07
C GLY A 87 -5.47 -2.03 -24.18
N LEU A 88 -5.85 -2.60 -23.04
CA LEU A 88 -6.53 -3.88 -23.04
C LEU A 88 -7.95 -3.52 -23.45
N GLY A 89 -8.41 -2.38 -22.93
CA GLY A 89 -9.75 -1.92 -23.23
C GLY A 89 -9.91 -1.64 -24.72
N TRP A 90 -8.91 -0.98 -25.31
CA TRP A 90 -8.96 -0.67 -26.72
C TRP A 90 -9.06 -1.94 -27.55
N ARG A 91 -8.10 -2.84 -27.38
CA ARG A 91 -8.09 -4.08 -28.15
C ARG A 91 -9.40 -4.83 -28.00
N SER A 92 -9.89 -4.95 -26.76
CA SER A 92 -11.13 -5.65 -26.47
C SER A 92 -12.31 -5.01 -27.19
N TYR A 93 -12.38 -3.68 -27.08
CA TYR A 93 -13.43 -2.86 -27.69
C TYR A 93 -13.38 -2.91 -29.19
N LYS A 94 -12.18 -3.10 -29.73
CA LYS A 94 -11.95 -3.10 -31.17
C LYS A 94 -12.08 -4.43 -31.93
N HIS A 95 -11.58 -5.51 -31.35
CA HIS A 95 -11.59 -6.83 -32.00
C HIS A 95 -12.74 -7.77 -31.63
N VAL A 96 -13.30 -7.63 -30.44
CA VAL A 96 -14.40 -8.47 -30.00
C VAL A 96 -15.54 -7.65 -29.40
N SER A 97 -15.77 -6.47 -29.95
CA SER A 97 -16.84 -5.59 -29.49
C SER A 97 -16.93 -5.45 -27.97
N GLY A 98 -15.79 -5.57 -27.30
CA GLY A 98 -15.72 -5.43 -25.86
C GLY A 98 -16.41 -6.49 -25.02
N GLN A 99 -16.75 -7.63 -25.62
CA GLN A 99 -17.43 -8.67 -24.88
C GLN A 99 -16.50 -9.78 -24.44
N MET A 100 -15.20 -9.57 -24.66
CA MET A 100 -14.16 -10.50 -24.27
C MET A 100 -12.90 -9.70 -24.03
N LEU A 101 -12.05 -10.16 -23.11
CA LEU A 101 -10.81 -9.45 -22.83
C LEU A 101 -9.71 -9.95 -23.75
N TYR A 102 -9.37 -9.11 -24.71
CA TYR A 102 -8.36 -9.40 -25.72
C TYR A 102 -6.96 -8.98 -25.25
N PHE A 103 -6.36 -9.76 -24.36
CA PHE A 103 -5.02 -9.44 -23.89
C PHE A 103 -4.04 -9.46 -25.04
N ALA A 104 -4.10 -10.52 -25.83
CA ALA A 104 -3.24 -10.70 -27.00
C ALA A 104 -3.95 -11.63 -27.97
N PRO A 105 -3.53 -11.66 -29.24
CA PRO A 105 -4.16 -12.52 -30.25
C PRO A 105 -4.14 -14.00 -29.87
N ASP A 106 -3.21 -14.35 -28.99
CA ASP A 106 -3.05 -15.73 -28.53
C ASP A 106 -3.44 -15.86 -27.05
N LEU A 107 -4.16 -14.86 -26.55
CA LEU A 107 -4.60 -14.87 -25.17
C LEU A 107 -5.82 -13.98 -24.99
N ILE A 108 -6.96 -14.51 -25.38
CA ILE A 108 -8.26 -13.83 -25.30
C ILE A 108 -9.06 -14.68 -24.31
N LEU A 109 -9.66 -14.01 -23.34
CA LEU A 109 -10.43 -14.70 -22.30
C LEU A 109 -11.91 -14.37 -22.22
N ASN A 110 -12.73 -15.41 -22.21
CA ASN A 110 -14.18 -15.25 -22.08
C ASN A 110 -14.44 -15.54 -20.61
N GLU A 111 -15.71 -15.57 -20.22
CA GLU A 111 -16.07 -15.83 -18.82
C GLU A 111 -15.71 -17.23 -18.32
N GLN A 112 -15.63 -18.20 -19.21
CA GLN A 112 -15.34 -19.57 -18.82
C GLN A 112 -13.92 -19.86 -18.36
N ARG A 113 -12.99 -19.06 -18.87
CA ARG A 113 -11.55 -19.19 -18.60
C ARG A 113 -11.12 -18.49 -17.34
N MET A 114 -12.06 -17.82 -16.69
CA MET A 114 -11.81 -17.09 -15.43
C MET A 114 -12.44 -17.86 -14.28
N LYS A 115 -11.86 -19.02 -13.98
CA LYS A 115 -12.33 -19.91 -12.92
C LYS A 115 -12.25 -19.37 -11.50
N GLU A 116 -11.05 -19.05 -11.04
CA GLU A 116 -10.87 -18.54 -9.68
C GLU A 116 -11.69 -17.28 -9.48
N SER A 117 -12.25 -17.15 -8.28
CA SER A 117 -13.10 -16.03 -7.90
C SER A 117 -12.42 -14.66 -7.98
N SER A 118 -11.37 -14.48 -7.19
CA SER A 118 -10.64 -13.22 -7.16
C SER A 118 -10.22 -12.78 -8.57
N PHE A 119 -9.78 -13.75 -9.37
CA PHE A 119 -9.36 -13.48 -10.74
C PHE A 119 -10.51 -13.01 -11.62
N TYR A 120 -11.68 -13.62 -11.45
CA TYR A 120 -12.82 -13.23 -12.26
C TYR A 120 -13.30 -11.87 -11.78
N SER A 121 -13.05 -11.57 -10.50
CA SER A 121 -13.45 -10.27 -9.97
C SER A 121 -12.53 -9.19 -10.51
N LEU A 122 -11.26 -9.51 -10.70
CA LEU A 122 -10.30 -8.56 -11.24
C LEU A 122 -10.70 -8.23 -12.67
N CYS A 123 -10.99 -9.28 -13.43
CA CYS A 123 -11.41 -9.15 -14.83
C CYS A 123 -12.65 -8.28 -14.99
N LEU A 124 -13.61 -8.47 -14.09
CA LEU A 124 -14.85 -7.71 -14.12
C LEU A 124 -14.56 -6.23 -13.96
N THR A 125 -13.51 -5.93 -13.21
CA THR A 125 -13.12 -4.55 -12.96
C THR A 125 -12.41 -3.94 -14.18
N MET A 126 -11.58 -4.73 -14.85
CA MET A 126 -10.88 -4.24 -16.03
C MET A 126 -11.90 -4.06 -17.15
N TRP A 127 -12.89 -4.95 -17.17
CA TRP A 127 -13.95 -4.96 -18.17
C TRP A 127 -14.79 -3.68 -18.23
N GLN A 128 -14.67 -2.84 -17.20
CA GLN A 128 -15.42 -1.58 -17.18
C GLN A 128 -14.93 -0.65 -18.28
N ILE A 129 -13.62 -0.65 -18.52
CA ILE A 129 -13.02 0.21 -19.53
C ILE A 129 -13.52 -0.08 -20.93
N PRO A 130 -13.34 -1.31 -21.42
CA PRO A 130 -13.84 -1.60 -22.77
C PRO A 130 -15.36 -1.40 -22.88
N GLN A 131 -16.06 -1.52 -21.76
CA GLN A 131 -17.50 -1.32 -21.77
C GLN A 131 -17.83 0.16 -21.94
N GLU A 132 -17.01 1.03 -21.36
CA GLU A 132 -17.23 2.47 -21.51
C GLU A 132 -16.82 2.86 -22.94
N PHE A 133 -15.82 2.17 -23.46
CA PHE A 133 -15.34 2.41 -24.81
C PHE A 133 -16.47 2.15 -25.80
N VAL A 134 -17.17 1.04 -25.62
CA VAL A 134 -18.29 0.67 -26.49
C VAL A 134 -19.45 1.67 -26.34
N LYS A 135 -19.69 2.10 -25.11
CA LYS A 135 -20.78 3.01 -24.77
C LYS A 135 -20.60 4.44 -25.31
N LEU A 136 -19.46 5.04 -25.00
CA LEU A 136 -19.13 6.38 -25.49
C LEU A 136 -18.63 6.33 -26.95
N GLN A 137 -18.43 5.13 -27.47
CA GLN A 137 -17.91 4.95 -28.82
C GLN A 137 -16.64 5.79 -28.97
N VAL A 138 -15.63 5.41 -28.18
CA VAL A 138 -14.34 6.10 -28.18
C VAL A 138 -13.65 5.97 -29.53
N SER A 139 -13.09 7.07 -30.02
CA SER A 139 -12.42 7.02 -31.31
C SER A 139 -10.94 6.70 -31.19
N GLN A 140 -10.37 6.29 -32.32
CA GLN A 140 -8.96 5.93 -32.44
C GLN A 140 -8.11 7.13 -32.08
N GLU A 141 -8.58 8.31 -32.48
CA GLU A 141 -7.89 9.57 -32.24
C GLU A 141 -7.93 9.94 -30.76
N GLU A 142 -9.13 9.90 -30.19
CA GLU A 142 -9.33 10.22 -28.77
C GLU A 142 -8.53 9.29 -27.89
N PHE A 143 -8.53 8.01 -28.26
CA PHE A 143 -7.81 6.98 -27.53
C PHE A 143 -6.32 7.33 -27.43
N LEU A 144 -5.68 7.51 -28.58
CA LEU A 144 -4.26 7.84 -28.61
C LEU A 144 -3.87 9.02 -27.71
N CYS A 145 -4.69 10.07 -27.71
CA CYS A 145 -4.40 11.24 -26.87
C CYS A 145 -4.56 10.93 -25.40
N MET A 146 -5.59 10.16 -25.05
CA MET A 146 -5.87 9.78 -23.67
C MET A 146 -4.79 8.87 -23.13
N LYS A 147 -4.23 8.02 -23.97
CA LYS A 147 -3.19 7.12 -23.52
C LYS A 147 -1.97 7.92 -23.09
N VAL A 148 -1.68 8.99 -23.81
CA VAL A 148 -0.56 9.84 -23.45
C VAL A 148 -0.81 10.56 -22.14
N LEU A 149 -2.04 11.04 -21.94
CA LEU A 149 -2.38 11.72 -20.70
C LEU A 149 -2.16 10.81 -19.52
N LEU A 150 -2.40 9.52 -19.72
CA LEU A 150 -2.20 8.55 -18.65
C LEU A 150 -0.75 8.46 -18.27
N LEU A 151 0.15 8.61 -19.24
CA LEU A 151 1.58 8.55 -18.93
C LEU A 151 1.91 9.74 -18.04
N LEU A 152 1.23 10.85 -18.29
CA LEU A 152 1.46 12.09 -17.55
C LEU A 152 0.40 12.35 -16.49
N ASN A 153 -0.21 11.30 -15.95
CA ASN A 153 -1.29 11.45 -14.99
C ASN A 153 -0.99 11.27 -13.51
N THR A 154 0.28 11.16 -13.15
CA THR A 154 0.67 11.00 -11.76
C THR A 154 2.12 11.50 -11.65
N ILE A 155 2.43 12.21 -10.59
CA ILE A 155 3.76 12.75 -10.39
C ILE A 155 4.15 12.57 -8.92
N PRO A 156 5.45 12.72 -8.61
CA PRO A 156 5.91 12.57 -7.22
C PRO A 156 5.25 13.65 -6.36
N LEU A 157 5.11 13.37 -5.06
CA LEU A 157 4.49 14.33 -4.16
C LEU A 157 5.28 15.64 -4.18
N GLU A 158 6.60 15.52 -4.26
CA GLU A 158 7.47 16.69 -4.29
C GLU A 158 7.65 17.25 -5.71
N GLY A 159 6.94 16.65 -6.67
CA GLY A 159 7.03 17.10 -8.04
C GLY A 159 8.09 16.41 -8.88
N LEU A 160 8.22 16.88 -10.12
CA LEU A 160 9.20 16.34 -11.07
C LEU A 160 10.37 17.30 -11.20
N ARG A 161 11.49 16.81 -11.73
CA ARG A 161 12.65 17.68 -11.92
C ARG A 161 12.30 18.72 -12.98
N SER A 162 11.87 18.25 -14.15
CA SER A 162 11.49 19.12 -15.26
C SER A 162 9.98 19.36 -15.19
N GLN A 163 9.52 19.88 -14.06
CA GLN A 163 8.09 20.14 -13.85
C GLN A 163 7.47 21.08 -14.87
N THR A 164 8.14 22.20 -15.14
CA THR A 164 7.62 23.16 -16.09
C THR A 164 7.39 22.52 -17.46
N GLN A 165 8.44 21.90 -18.01
CA GLN A 165 8.34 21.26 -19.31
C GLN A 165 7.28 20.16 -19.29
N PHE A 166 7.07 19.56 -18.12
CA PHE A 166 6.04 18.53 -17.97
C PHE A 166 4.65 19.15 -18.04
N GLU A 167 4.46 20.28 -17.36
CA GLU A 167 3.17 20.94 -17.37
C GLU A 167 2.85 21.47 -18.76
N GLU A 168 3.88 21.89 -19.49
CA GLU A 168 3.68 22.38 -20.84
C GLU A 168 3.37 21.19 -21.74
N MET A 169 4.03 20.08 -21.49
CA MET A 169 3.83 18.88 -22.30
C MET A 169 2.41 18.35 -22.13
N ARG A 170 1.93 18.36 -20.89
CA ARG A 170 0.60 17.87 -20.58
C ARG A 170 -0.51 18.73 -21.17
N SER A 171 -0.29 20.05 -21.22
CA SER A 171 -1.28 20.96 -21.77
C SER A 171 -1.43 20.76 -23.27
N SER A 172 -0.32 20.46 -23.93
CA SER A 172 -0.36 20.24 -25.37
C SER A 172 -1.20 19.00 -25.67
N TYR A 173 -1.10 17.99 -24.82
CA TYR A 173 -1.85 16.78 -25.05
C TYR A 173 -3.31 16.90 -24.67
N ILE A 174 -3.62 17.84 -23.79
CA ILE A 174 -5.00 18.08 -23.39
C ILE A 174 -5.63 18.84 -24.53
N ARG A 175 -4.86 19.75 -25.12
CA ARG A 175 -5.35 20.51 -26.25
C ARG A 175 -5.48 19.56 -27.43
N GLU A 176 -4.57 18.60 -27.53
CA GLU A 176 -4.63 17.65 -28.63
C GLU A 176 -5.89 16.79 -28.51
N LEU A 177 -6.26 16.42 -27.28
CA LEU A 177 -7.47 15.61 -27.07
C LEU A 177 -8.70 16.40 -27.51
N ILE A 178 -8.72 17.68 -27.18
CA ILE A 178 -9.83 18.54 -27.56
C ILE A 178 -9.93 18.58 -29.08
N LYS A 179 -8.78 18.49 -29.75
CA LYS A 179 -8.77 18.50 -31.21
C LYS A 179 -9.44 17.25 -31.76
N ALA A 180 -9.17 16.11 -31.11
CA ALA A 180 -9.73 14.83 -31.52
C ALA A 180 -11.23 14.77 -31.24
N ILE A 181 -11.67 15.52 -30.24
CA ILE A 181 -13.09 15.57 -29.90
C ILE A 181 -13.77 16.50 -30.91
N GLY A 182 -13.00 17.48 -31.39
CA GLY A 182 -13.54 18.41 -32.35
C GLY A 182 -13.67 17.81 -33.73
N LEU A 183 -13.16 16.59 -33.88
CA LEU A 183 -13.23 15.90 -35.16
C LEU A 183 -14.64 15.38 -35.40
N ARG A 184 -15.33 15.00 -34.33
CA ARG A 184 -16.69 14.46 -34.45
C ARG A 184 -17.73 15.37 -33.80
N GLN A 185 -17.32 16.15 -32.81
CA GLN A 185 -18.25 17.04 -32.12
C GLN A 185 -18.17 18.46 -32.66
N GLY A 187 -20.07 20.75 -32.56
CA GLY A 187 -20.85 21.41 -31.55
C GLY A 187 -19.99 21.94 -30.41
N VAL A 188 -20.47 22.94 -29.69
CA VAL A 188 -19.72 23.51 -28.58
C VAL A 188 -20.06 22.83 -27.26
N VAL A 189 -21.37 22.76 -26.96
CA VAL A 189 -21.82 22.14 -25.74
C VAL A 189 -21.59 20.64 -25.78
N SER A 190 -21.82 20.03 -26.95
CA SER A 190 -21.64 18.61 -27.12
C SER A 190 -20.17 18.23 -27.05
N SER A 191 -19.30 19.12 -27.49
CA SER A 191 -17.86 18.86 -27.45
C SER A 191 -17.37 19.11 -26.04
N SER A 192 -17.93 20.15 -25.42
CA SER A 192 -17.56 20.51 -24.05
C SER A 192 -18.06 19.45 -23.09
N GLN A 193 -19.15 18.79 -23.47
CA GLN A 193 -19.71 17.74 -22.64
C GLN A 193 -18.94 16.44 -22.82
N ARG A 194 -18.45 16.20 -24.03
CA ARG A 194 -17.70 14.98 -24.28
C ARG A 194 -16.31 15.10 -23.67
N PHE A 195 -15.86 16.32 -23.44
CA PHE A 195 -14.56 16.54 -22.83
C PHE A 195 -14.71 16.13 -21.37
N TYR A 196 -15.80 16.59 -20.76
CA TYR A 196 -16.06 16.26 -19.36
C TYR A 196 -16.09 14.75 -19.19
N GLN A 197 -16.74 14.07 -20.14
CA GLN A 197 -16.87 12.62 -20.12
C GLN A 197 -15.55 11.86 -20.19
N LEU A 198 -14.74 12.20 -21.18
CA LEU A 198 -13.46 11.52 -21.38
C LEU A 198 -12.43 11.79 -20.28
N THR A 199 -12.41 12.99 -19.71
CA THR A 199 -11.46 13.30 -18.66
C THR A 199 -11.94 12.74 -17.31
N LYS A 200 -13.23 12.43 -17.22
CA LYS A 200 -13.77 11.86 -15.99
C LYS A 200 -13.40 10.38 -15.98
N LEU A 201 -13.41 9.79 -17.17
CA LEU A 201 -13.07 8.39 -17.35
C LEU A 201 -11.63 8.21 -16.87
N LEU A 202 -10.74 9.11 -17.31
CA LEU A 202 -9.34 9.05 -16.90
C LEU A 202 -9.27 9.19 -15.39
N ASP A 203 -9.99 10.17 -14.83
CA ASP A 203 -10.00 10.35 -13.38
C ASP A 203 -10.37 9.03 -12.70
N ASN A 204 -11.45 8.40 -13.13
CA ASN A 204 -11.88 7.15 -12.52
C ASN A 204 -10.89 6.01 -12.65
N LEU A 205 -9.83 6.19 -13.42
CA LEU A 205 -8.85 5.13 -13.60
C LEU A 205 -7.93 4.99 -12.40
N HIS A 206 -7.71 6.09 -11.68
CA HIS A 206 -6.85 6.07 -10.51
C HIS A 206 -7.36 5.01 -9.54
N ASP A 207 -8.66 5.08 -9.25
CA ASP A 207 -9.28 4.15 -8.32
C ASP A 207 -9.30 2.75 -8.91
N LEU A 208 -9.51 2.66 -10.21
CA LEU A 208 -9.55 1.38 -10.91
C LEU A 208 -8.20 0.67 -10.87
N VAL A 209 -7.13 1.40 -11.20
CA VAL A 209 -5.79 0.84 -11.22
C VAL A 209 -5.31 0.39 -9.84
N LYS A 210 -5.84 1.02 -8.80
CA LYS A 210 -5.48 0.70 -7.42
C LYS A 210 -5.77 -0.76 -7.07
N GLN A 211 -6.90 -1.28 -7.54
CA GLN A 211 -7.26 -2.66 -7.24
C GLN A 211 -6.31 -3.62 -7.97
N LEU A 212 -5.94 -3.27 -9.20
CA LEU A 212 -5.01 -4.09 -9.98
C LEU A 212 -3.65 -4.14 -9.28
N HIS A 213 -3.27 -3.00 -8.70
CA HIS A 213 -2.00 -2.86 -7.98
C HIS A 213 -1.98 -3.80 -6.77
N LEU A 214 -3.04 -3.73 -5.96
CA LEU A 214 -3.15 -4.55 -4.77
C LEU A 214 -3.09 -6.05 -5.11
N TYR A 215 -3.84 -6.45 -6.12
CA TYR A 215 -3.88 -7.84 -6.58
C TYR A 215 -2.49 -8.28 -7.07
N CYS A 216 -1.83 -7.37 -7.79
CA CYS A 216 -0.51 -7.61 -8.34
C CYS A 216 0.54 -7.83 -7.25
N LEU A 217 0.61 -6.89 -6.31
CA LEU A 217 1.57 -7.01 -5.23
C LEU A 217 1.35 -8.26 -4.36
N ASN A 218 0.09 -8.63 -4.16
CA ASN A 218 -0.23 -9.84 -3.37
C ASN A 218 0.22 -11.09 -4.10
N THR A 219 0.03 -11.10 -5.41
CA THR A 219 0.39 -12.23 -6.27
C THR A 219 1.92 -12.33 -6.37
N PHE A 220 2.56 -11.17 -6.34
CA PHE A 220 4.02 -11.08 -6.43
C PHE A 220 4.60 -11.69 -5.15
N ILE A 221 4.18 -11.14 -4.01
CA ILE A 221 4.61 -11.58 -2.69
C ILE A 221 4.39 -13.08 -2.42
N GLN A 222 3.42 -13.67 -3.11
CA GLN A 222 3.12 -15.09 -2.93
C GLN A 222 3.52 -15.90 -4.17
N SER A 223 4.30 -15.27 -5.03
CA SER A 223 4.74 -15.92 -6.27
C SER A 223 5.28 -17.34 -6.06
N ARG A 224 5.89 -17.61 -4.90
CA ARG A 224 6.42 -18.95 -4.64
C ARG A 224 5.29 -19.98 -4.53
N ALA A 225 4.37 -19.76 -3.60
CA ALA A 225 3.25 -20.68 -3.39
C ALA A 225 2.40 -20.89 -4.63
N LEU A 226 1.92 -19.79 -5.21
CA LEU A 226 1.08 -19.86 -6.39
C LEU A 226 1.84 -20.38 -7.60
N SER A 227 3.14 -20.59 -7.43
CA SER A 227 4.00 -21.06 -8.50
C SER A 227 3.95 -20.11 -9.71
N VAL A 228 3.76 -18.82 -9.43
CA VAL A 228 3.70 -17.82 -10.50
C VAL A 228 5.00 -17.05 -10.70
N GLU A 229 5.58 -17.17 -11.89
CA GLU A 229 6.84 -16.49 -12.21
C GLU A 229 6.67 -15.05 -12.70
N PHE A 230 7.59 -14.19 -12.28
CA PHE A 230 7.61 -12.77 -12.69
C PHE A 230 8.94 -12.47 -13.36
N PRO A 231 8.92 -11.87 -14.55
CA PRO A 231 10.18 -11.57 -15.22
C PRO A 231 10.93 -10.42 -14.56
N GLU A 232 12.21 -10.28 -14.91
CA GLU A 232 13.10 -9.26 -14.35
C GLU A 232 12.67 -7.79 -14.45
N MET A 233 12.36 -7.32 -15.65
CA MET A 233 11.98 -5.92 -15.83
C MET A 233 10.69 -5.60 -15.08
N MET A 234 9.73 -6.52 -15.17
CA MET A 234 8.45 -6.38 -14.49
C MET A 234 8.66 -6.43 -12.97
N SER A 235 9.49 -7.36 -12.51
CA SER A 235 9.76 -7.47 -11.09
C SER A 235 10.33 -6.17 -10.51
N GLU A 236 11.09 -5.46 -11.33
CA GLU A 236 11.73 -4.20 -10.91
C GLU A 236 10.77 -3.04 -10.69
N VAL A 237 9.93 -2.76 -11.68
CA VAL A 237 8.99 -1.65 -11.54
C VAL A 237 8.07 -1.95 -10.36
N ILE A 238 7.63 -3.20 -10.26
CA ILE A 238 6.78 -3.63 -9.17
C ILE A 238 7.41 -3.29 -7.84
N ALA A 239 8.58 -3.88 -7.59
CA ALA A 239 9.33 -3.66 -6.36
C ALA A 239 9.65 -2.20 -6.10
N ALA A 240 10.06 -1.49 -7.13
CA ALA A 240 10.45 -0.09 -7.01
C ALA A 240 9.35 0.95 -6.73
N GLN A 241 8.13 0.75 -7.24
CA GLN A 241 7.09 1.74 -7.02
C GLN A 241 5.75 1.29 -6.44
N LEU A 242 5.37 0.05 -6.69
CA LEU A 242 4.06 -0.44 -6.24
C LEU A 242 3.68 -0.20 -4.78
N PRO A 243 4.56 -0.53 -3.83
CA PRO A 243 4.20 -0.30 -2.44
C PRO A 243 3.93 1.17 -2.15
N LYS A 244 4.81 2.05 -2.64
CA LYS A 244 4.66 3.48 -2.41
C LYS A 244 3.34 4.00 -2.94
N ILE A 245 2.97 3.55 -4.14
CA ILE A 245 1.73 3.97 -4.76
C ILE A 245 0.52 3.49 -3.97
N LEU A 246 0.54 2.22 -3.58
CA LEU A 246 -0.56 1.65 -2.80
C LEU A 246 -0.81 2.47 -1.54
N ALA A 247 0.28 2.87 -0.87
CA ALA A 247 0.17 3.66 0.34
C ALA A 247 -0.26 5.09 0.05
N GLY A 248 -0.54 5.36 -1.22
CA GLY A 248 -0.97 6.70 -1.62
C GLY A 248 0.09 7.76 -1.43
N MET A 249 1.35 7.38 -1.60
CA MET A 249 2.47 8.30 -1.43
C MET A 249 2.95 8.94 -2.74
N VAL A 250 1.99 9.25 -3.62
CA VAL A 250 2.26 9.90 -4.91
C VAL A 250 1.13 10.90 -5.14
N LYS A 251 1.25 11.74 -6.16
CA LYS A 251 0.21 12.73 -6.45
C LYS A 251 -0.58 12.43 -7.72
N PRO A 252 -1.85 12.03 -7.58
CA PRO A 252 -2.70 11.73 -8.73
C PRO A 252 -3.17 13.04 -9.35
N LEU A 253 -3.05 13.17 -10.67
CA LEU A 253 -3.50 14.38 -11.33
C LEU A 253 -4.94 14.18 -11.79
N LEU A 254 -5.84 14.96 -11.21
CA LEU A 254 -7.26 14.85 -11.54
C LEU A 254 -7.76 16.01 -12.37
N PHE A 255 -8.79 15.74 -13.18
CA PHE A 255 -9.40 16.74 -14.04
C PHE A 255 -10.65 17.29 -13.39
N HIS A 256 -11.20 16.51 -12.46
CA HIS A 256 -12.42 16.91 -11.77
C HIS A 256 -12.29 16.69 -10.27
N LEU B 8 -6.81 0.67 45.56
CA LEU B 8 -7.51 1.70 44.74
C LEU B 8 -7.32 1.47 43.24
N ILE B 9 -6.54 0.45 42.88
CA ILE B 9 -6.28 0.11 41.49
C ILE B 9 -7.31 -0.86 40.93
N PRO B 10 -8.01 -0.47 39.85
CA PRO B 10 -9.02 -1.36 39.24
C PRO B 10 -8.46 -2.77 39.01
N PRO B 11 -9.22 -3.80 39.42
CA PRO B 11 -8.79 -5.20 39.25
C PRO B 11 -8.24 -5.51 37.87
N LEU B 12 -9.01 -5.21 36.83
CA LEU B 12 -8.61 -5.49 35.45
C LEU B 12 -7.20 -4.99 35.14
N ILE B 13 -6.85 -3.84 35.70
CA ILE B 13 -5.52 -3.27 35.48
C ILE B 13 -4.45 -4.12 36.14
N ASN B 14 -4.78 -4.76 37.26
CA ASN B 14 -3.82 -5.62 37.95
C ASN B 14 -3.58 -6.85 37.09
N LEU B 15 -4.64 -7.35 36.45
CA LEU B 15 -4.53 -8.52 35.59
C LEU B 15 -3.59 -8.21 34.44
N LEU B 16 -3.86 -7.10 33.74
CA LEU B 16 -3.04 -6.68 32.61
C LEU B 16 -1.57 -6.63 33.01
N MET B 17 -1.30 -6.15 34.22
CA MET B 17 0.06 -6.03 34.71
C MET B 17 0.68 -7.38 35.02
N SER B 18 -0.12 -8.31 35.53
CA SER B 18 0.37 -9.63 35.89
C SER B 18 0.64 -10.54 34.69
N ILE B 19 0.01 -10.25 33.55
CA ILE B 19 0.22 -11.07 32.35
C ILE B 19 1.25 -10.49 31.39
N GLU B 20 1.96 -9.45 31.84
CA GLU B 20 3.00 -8.83 31.02
C GLU B 20 4.22 -9.74 31.05
N PRO B 21 4.77 -10.09 29.86
CA PRO B 21 5.93 -10.97 29.82
C PRO B 21 7.20 -10.29 30.32
N ASP B 22 8.28 -11.05 30.34
CA ASP B 22 9.57 -10.54 30.77
C ASP B 22 10.19 -9.84 29.56
N VAL B 23 11.06 -8.86 29.80
CA VAL B 23 11.72 -8.15 28.69
C VAL B 23 12.26 -9.20 27.74
N ILE B 24 12.09 -8.97 26.44
CA ILE B 24 12.56 -9.93 25.45
C ILE B 24 13.91 -9.50 24.87
N TYR B 25 14.69 -10.50 24.47
CA TYR B 25 16.04 -10.32 23.93
C TYR B 25 16.14 -10.59 22.44
N ALA B 26 16.93 -9.76 21.75
CA ALA B 26 17.11 -9.92 20.32
C ALA B 26 18.20 -10.95 20.03
N GLY B 27 18.96 -11.31 21.06
CA GLY B 27 20.04 -12.27 20.89
C GLY B 27 21.11 -11.66 20.00
N HIS B 28 21.13 -10.33 19.97
CA HIS B 28 22.07 -9.56 19.16
C HIS B 28 23.52 -9.85 19.57
N ASP B 29 24.43 -9.80 18.60
CA ASP B 29 25.85 -10.02 18.86
C ASP B 29 26.52 -8.65 18.90
N ASN B 30 26.71 -8.12 20.10
CA ASN B 30 27.35 -6.82 20.26
C ASN B 30 28.87 -6.97 20.28
N THR B 31 29.34 -8.18 19.96
CA THR B 31 30.77 -8.47 19.91
C THR B 31 31.19 -8.51 18.44
N LYS B 32 30.49 -7.71 17.63
CA LYS B 32 30.76 -7.64 16.20
C LYS B 32 29.95 -6.51 15.58
N PRO B 33 30.61 -5.58 14.86
CA PRO B 33 29.97 -4.45 14.20
C PRO B 33 28.83 -4.89 13.28
N ASP B 34 27.84 -4.02 13.11
CA ASP B 34 26.69 -4.33 12.26
C ASP B 34 26.72 -3.65 10.91
N THR B 35 26.11 -4.31 9.93
CA THR B 35 26.00 -3.75 8.59
C THR B 35 24.52 -3.38 8.53
N SER B 36 24.09 -2.63 7.52
CA SER B 36 22.69 -2.26 7.44
C SER B 36 21.82 -3.50 7.51
N SER B 37 22.14 -4.51 6.70
CA SER B 37 21.37 -5.75 6.66
C SER B 37 21.48 -6.60 7.92
N SER B 38 22.49 -6.30 8.74
CA SER B 38 22.70 -7.05 9.98
C SER B 38 21.80 -6.52 11.09
N LEU B 39 21.60 -5.20 11.09
CA LEU B 39 20.78 -4.55 12.09
C LEU B 39 19.30 -4.90 11.88
N LEU B 40 18.87 -4.86 10.63
CA LEU B 40 17.48 -5.17 10.29
C LEU B 40 17.10 -6.61 10.65
N THR B 41 17.93 -7.55 10.21
CA THR B 41 17.69 -8.95 10.47
C THR B 41 17.64 -9.24 11.96
N SER B 42 18.31 -8.39 12.73
CA SER B 42 18.36 -8.51 14.19
C SER B 42 17.05 -7.98 14.76
N LEU B 43 16.47 -7.01 14.08
CA LEU B 43 15.21 -6.43 14.51
C LEU B 43 14.08 -7.35 14.08
N ASN B 44 14.30 -8.12 13.02
CA ASN B 44 13.30 -9.06 12.52
C ASN B 44 13.27 -10.29 13.42
N GLN B 45 14.38 -10.55 14.10
CA GLN B 45 14.50 -11.68 15.02
C GLN B 45 13.76 -11.30 16.29
N LEU B 46 14.04 -10.10 16.79
CA LEU B 46 13.38 -9.61 18.00
C LEU B 46 11.88 -9.49 17.71
N GLY B 47 11.55 -9.15 16.47
CA GLY B 47 10.15 -9.02 16.10
C GLY B 47 9.45 -10.36 16.21
N GLU B 48 10.05 -11.37 15.57
CA GLU B 48 9.52 -12.74 15.59
C GLU B 48 9.26 -13.20 17.02
N ARG B 49 10.12 -12.77 17.93
CA ARG B 49 9.99 -13.14 19.35
C ARG B 49 8.94 -12.30 20.05
N GLN B 50 8.76 -11.06 19.59
CA GLN B 50 7.76 -10.22 20.22
C GLN B 50 6.39 -10.66 19.73
N LEU B 51 6.30 -10.94 18.42
CA LEU B 51 5.05 -11.40 17.83
C LEU B 51 4.60 -12.67 18.56
N LEU B 52 5.55 -13.47 19.04
CA LEU B 52 5.21 -14.68 19.76
C LEU B 52 4.69 -14.34 21.15
N SER B 53 5.37 -13.41 21.83
CA SER B 53 4.93 -13.03 23.15
C SER B 53 3.54 -12.41 23.02
N VAL B 54 3.29 -11.75 21.89
CA VAL B 54 1.98 -11.13 21.66
C VAL B 54 0.87 -12.17 21.58
N VAL B 55 1.13 -13.28 20.93
CA VAL B 55 0.12 -14.33 20.80
C VAL B 55 -0.20 -14.97 22.15
N LYS B 56 0.83 -15.33 22.91
CA LYS B 56 0.63 -15.94 24.22
C LYS B 56 -0.19 -15.00 25.08
N TRP B 57 0.22 -13.74 25.09
CA TRP B 57 -0.43 -12.68 25.86
C TRP B 57 -1.94 -12.54 25.57
N SER B 58 -2.29 -12.43 24.29
CA SER B 58 -3.70 -12.29 23.91
C SER B 58 -4.55 -13.47 24.38
N LYS B 59 -3.93 -14.64 24.51
CA LYS B 59 -4.64 -15.82 24.96
C LYS B 59 -4.98 -15.70 26.44
N SER B 60 -4.28 -14.82 27.15
CA SER B 60 -4.53 -14.61 28.58
C SER B 60 -5.20 -13.26 28.83
N LEU B 61 -5.43 -12.51 27.75
CA LEU B 61 -6.07 -11.20 27.82
C LEU B 61 -7.57 -11.39 27.99
N PRO B 62 -8.12 -10.93 29.13
CA PRO B 62 -9.56 -11.07 29.40
C PRO B 62 -10.46 -10.67 28.24
N GLY B 63 -11.31 -11.60 27.81
CA GLY B 63 -12.25 -11.33 26.74
C GLY B 63 -11.83 -11.66 25.33
N PHE B 64 -10.53 -11.55 25.06
CA PHE B 64 -10.02 -11.82 23.72
C PHE B 64 -10.34 -13.22 23.20
N ARG B 65 -10.03 -14.24 24.01
CA ARG B 65 -10.27 -15.61 23.60
C ARG B 65 -11.72 -15.94 23.26
N ASN B 66 -12.65 -15.05 23.63
CA ASN B 66 -14.06 -15.29 23.37
C ASN B 66 -14.47 -14.83 21.97
N LEU B 67 -13.58 -14.09 21.32
CA LEU B 67 -13.85 -13.60 19.96
C LEU B 67 -13.63 -14.79 19.04
N HIS B 68 -14.24 -14.76 17.86
CA HIS B 68 -14.09 -15.85 16.91
C HIS B 68 -12.62 -16.01 16.57
N ILE B 69 -12.19 -17.25 16.36
CA ILE B 69 -10.79 -17.53 16.07
C ILE B 69 -10.23 -16.66 14.94
N ASP B 70 -11.03 -16.43 13.90
CA ASP B 70 -10.59 -15.61 12.79
C ASP B 70 -10.37 -14.16 13.20
N ASP B 71 -11.24 -13.65 14.07
CA ASP B 71 -11.13 -12.27 14.54
C ASP B 71 -9.86 -12.06 15.38
N GLN B 72 -9.52 -13.03 16.24
CA GLN B 72 -8.32 -12.91 17.06
C GLN B 72 -7.12 -12.76 16.13
N ILE B 73 -6.97 -13.71 15.23
CA ILE B 73 -5.87 -13.72 14.27
C ILE B 73 -5.80 -12.44 13.44
N THR B 74 -6.95 -12.00 12.95
CA THR B 74 -7.04 -10.79 12.15
C THR B 74 -6.54 -9.59 12.94
N LEU B 75 -6.98 -9.50 14.19
CA LEU B 75 -6.59 -8.41 15.05
C LEU B 75 -5.10 -8.42 15.33
N ILE B 76 -4.51 -9.60 15.48
CA ILE B 76 -3.09 -9.66 15.73
C ILE B 76 -2.30 -9.35 14.46
N GLN B 77 -2.90 -9.60 13.30
CA GLN B 77 -2.22 -9.33 12.04
C GLN B 77 -2.35 -7.87 11.63
N TYR B 78 -3.42 -7.21 12.09
CA TYR B 78 -3.63 -5.80 11.77
C TYR B 78 -2.80 -4.89 12.67
N SER B 79 -2.73 -5.20 13.95
CA SER B 79 -2.06 -4.34 14.93
C SER B 79 -0.68 -4.66 15.50
N TRP B 80 -0.04 -5.74 15.08
CA TRP B 80 1.26 -6.06 15.67
C TRP B 80 2.27 -4.90 15.64
N MET B 81 2.47 -4.31 14.46
CA MET B 81 3.39 -3.21 14.32
C MET B 81 3.17 -2.14 15.39
N SER B 82 1.92 -1.74 15.55
CA SER B 82 1.54 -0.74 16.53
C SER B 82 1.91 -1.17 17.94
N LEU B 83 1.70 -2.46 18.23
CA LEU B 83 2.02 -2.99 19.54
C LEU B 83 3.52 -2.92 19.83
N MET B 84 4.34 -3.35 18.87
CA MET B 84 5.78 -3.34 19.03
C MET B 84 6.40 -1.96 19.17
N VAL B 85 6.02 -1.04 18.28
CA VAL B 85 6.57 0.30 18.37
C VAL B 85 6.11 0.95 19.68
N PHE B 86 4.90 0.62 20.12
CA PHE B 86 4.37 1.18 21.37
C PHE B 86 5.12 0.60 22.57
N GLY B 87 5.49 -0.67 22.48
CA GLY B 87 6.24 -1.29 23.56
C GLY B 87 7.61 -0.66 23.60
N LEU B 88 8.11 -0.29 22.42
CA LEU B 88 9.41 0.34 22.32
C LEU B 88 9.37 1.72 22.99
N GLY B 89 8.29 2.45 22.75
CA GLY B 89 8.14 3.77 23.34
C GLY B 89 8.15 3.75 24.86
N TRP B 90 7.63 2.67 25.43
CA TRP B 90 7.58 2.53 26.89
C TRP B 90 8.93 2.09 27.44
N ARG B 91 9.54 1.08 26.81
CA ARG B 91 10.83 0.58 27.26
C ARG B 91 11.92 1.65 27.24
N SER B 92 11.76 2.62 26.36
CA SER B 92 12.74 3.69 26.24
C SER B 92 12.56 4.67 27.40
N TYR B 93 11.31 5.06 27.60
CA TYR B 93 10.93 6.00 28.66
C TYR B 93 11.28 5.52 30.06
N LYS B 94 10.88 4.28 30.37
CA LYS B 94 11.11 3.69 31.70
C LYS B 94 12.55 3.26 32.00
N HIS B 95 13.39 3.14 30.99
CA HIS B 95 14.76 2.71 31.23
C HIS B 95 15.80 3.79 30.98
N VAL B 96 16.13 4.01 29.72
CA VAL B 96 17.12 5.01 29.35
C VAL B 96 16.62 6.45 29.47
N SER B 97 15.65 6.67 30.36
CA SER B 97 15.09 7.99 30.58
C SER B 97 14.45 8.55 29.31
N GLY B 98 14.49 7.76 28.25
CA GLY B 98 13.90 8.17 26.99
C GLY B 98 14.85 8.94 26.09
N GLN B 99 16.13 8.55 26.09
CA GLN B 99 17.12 9.22 25.25
C GLN B 99 17.76 8.28 24.25
N MET B 100 17.29 7.03 24.23
CA MET B 100 17.81 6.03 23.31
C MET B 100 16.69 5.06 22.93
N LEU B 101 16.82 4.44 21.76
CA LEU B 101 15.83 3.48 21.30
C LEU B 101 16.05 2.15 22.00
N TYR B 102 15.17 1.85 22.96
CA TYR B 102 15.29 0.61 23.71
C TYR B 102 14.48 -0.53 23.08
N PHE B 103 15.03 -1.14 22.05
CA PHE B 103 14.37 -2.26 21.39
C PHE B 103 14.45 -3.49 22.30
N ALA B 104 15.58 -3.59 23.00
CA ALA B 104 15.83 -4.71 23.91
C ALA B 104 17.05 -4.42 24.76
N PRO B 105 17.22 -5.16 25.88
CA PRO B 105 18.39 -4.86 26.73
C PRO B 105 19.73 -5.04 26.00
N ASP B 106 19.66 -5.80 24.90
CA ASP B 106 20.84 -6.10 24.08
C ASP B 106 20.80 -5.45 22.69
N LEU B 107 20.02 -4.39 22.56
CA LEU B 107 19.91 -3.67 21.28
C LEU B 107 19.32 -2.28 21.56
N ILE B 108 20.18 -1.36 21.97
CA ILE B 108 19.76 0.00 22.28
C ILE B 108 20.47 1.00 21.39
N LEU B 109 19.74 1.56 20.43
CA LEU B 109 20.29 2.52 19.48
C LEU B 109 20.27 3.95 20.00
N ASN B 110 21.43 4.47 20.39
CA ASN B 110 21.52 5.84 20.85
C ASN B 110 21.47 6.67 19.56
N GLU B 111 21.39 8.00 19.67
CA GLU B 111 21.31 8.84 18.48
C GLU B 111 22.41 8.63 17.45
N GLN B 112 23.66 8.56 17.89
CA GLN B 112 24.76 8.37 16.96
C GLN B 112 24.68 7.00 16.32
N ARG B 113 24.08 6.05 17.03
CA ARG B 113 23.93 4.69 16.53
C ARG B 113 22.80 4.67 15.51
N MET B 114 21.95 5.70 15.57
CA MET B 114 20.82 5.84 14.66
C MET B 114 21.27 6.44 13.32
N LYS B 115 22.26 7.32 13.39
CA LYS B 115 22.80 7.98 12.20
C LYS B 115 23.36 6.97 11.20
N GLU B 116 24.10 6.00 11.70
CA GLU B 116 24.72 4.98 10.87
C GLU B 116 23.78 3.81 10.57
N SER B 117 22.55 3.89 11.08
CA SER B 117 21.57 2.83 10.90
C SER B 117 21.27 2.46 9.45
N SER B 118 21.29 3.45 8.57
CA SER B 118 20.99 3.29 7.14
C SER B 118 19.48 3.44 6.95
N PHE B 119 18.84 3.95 8.00
CA PHE B 119 17.40 4.22 7.99
C PHE B 119 17.10 5.20 9.11
N TYR B 120 18.07 6.07 9.37
CA TYR B 120 17.99 7.10 10.40
C TYR B 120 16.66 7.84 10.34
N SER B 121 16.07 7.91 9.16
CA SER B 121 14.79 8.59 8.96
C SER B 121 13.71 7.91 9.79
N LEU B 122 13.63 6.58 9.65
CA LEU B 122 12.66 5.78 10.38
C LEU B 122 12.94 5.85 11.88
N CYS B 123 14.22 5.90 12.24
CA CYS B 123 14.61 5.96 13.64
C CYS B 123 14.09 7.22 14.33
N LEU B 124 13.67 8.20 13.55
CA LEU B 124 13.15 9.43 14.12
C LEU B 124 11.67 9.27 14.43
N THR B 125 10.91 8.82 13.43
CA THR B 125 9.48 8.60 13.62
C THR B 125 9.30 7.69 14.83
N MET B 126 10.17 6.69 14.93
CA MET B 126 10.12 5.73 16.03
C MET B 126 10.42 6.37 17.38
N TRP B 127 11.40 7.28 17.40
CA TRP B 127 11.81 7.98 18.62
C TRP B 127 10.83 9.07 19.04
N GLN B 128 9.75 9.23 18.28
CA GLN B 128 8.76 10.26 18.59
C GLN B 128 7.79 9.85 19.70
N ILE B 129 7.51 8.55 19.81
CA ILE B 129 6.59 8.05 20.83
C ILE B 129 7.17 8.06 22.25
N PRO B 130 8.37 7.48 22.44
CA PRO B 130 8.98 7.47 23.78
C PRO B 130 9.15 8.86 24.39
N GLN B 131 9.36 9.86 23.53
CA GLN B 131 9.53 11.24 23.97
C GLN B 131 8.16 11.78 24.36
N GLU B 132 7.12 11.42 23.58
CA GLU B 132 5.77 11.85 23.87
C GLU B 132 5.32 11.25 25.20
N PHE B 133 6.07 10.24 25.64
CA PHE B 133 5.80 9.55 26.90
C PHE B 133 6.42 10.36 28.05
N VAL B 134 7.56 10.97 27.77
CA VAL B 134 8.25 11.77 28.77
C VAL B 134 7.46 13.07 28.91
N LYS B 135 6.85 13.48 27.81
CA LYS B 135 6.05 14.69 27.78
C LYS B 135 4.85 14.57 28.72
N LEU B 136 4.02 13.57 28.46
CA LEU B 136 2.81 13.33 29.25
C LEU B 136 3.05 12.60 30.57
N GLN B 137 4.22 12.01 30.73
CA GLN B 137 4.51 11.27 31.95
C GLN B 137 3.41 10.22 32.11
N VAL B 138 3.13 9.52 31.01
CA VAL B 138 2.09 8.50 30.99
C VAL B 138 2.35 7.43 32.05
N SER B 139 1.29 6.97 32.70
CA SER B 139 1.40 5.98 33.76
C SER B 139 1.30 4.56 33.22
N GLN B 140 1.70 3.60 34.05
CA GLN B 140 1.65 2.19 33.66
C GLN B 140 0.22 1.73 33.44
N GLU B 141 -0.69 2.17 34.32
CA GLU B 141 -2.10 1.81 34.21
C GLU B 141 -2.68 2.27 32.87
N GLU B 142 -2.27 3.46 32.45
CA GLU B 142 -2.72 4.04 31.19
C GLU B 142 -2.09 3.28 30.04
N PHE B 143 -0.83 2.94 30.22
CA PHE B 143 -0.05 2.20 29.23
C PHE B 143 -0.74 0.89 28.87
N LEU B 144 -0.90 0.03 29.88
CA LEU B 144 -1.52 -1.26 29.70
C LEU B 144 -2.89 -1.17 29.02
N CYS B 145 -3.70 -0.20 29.44
CA CYS B 145 -5.01 -0.04 28.83
C CYS B 145 -4.91 0.39 27.36
N MET B 146 -4.00 1.31 27.07
CA MET B 146 -3.82 1.79 25.70
C MET B 146 -3.33 0.68 24.77
N LYS B 147 -2.42 -0.17 25.26
CA LYS B 147 -1.92 -1.27 24.44
C LYS B 147 -3.07 -2.19 24.03
N VAL B 148 -3.99 -2.44 24.97
CA VAL B 148 -5.13 -3.29 24.66
C VAL B 148 -5.97 -2.59 23.59
N LEU B 149 -6.11 -1.28 23.71
CA LEU B 149 -6.88 -0.51 22.75
C LEU B 149 -6.25 -0.56 21.37
N LEU B 150 -4.92 -0.66 21.32
CA LEU B 150 -4.21 -0.73 20.05
C LEU B 150 -4.49 -2.07 19.36
N LEU B 151 -4.61 -3.13 20.15
CA LEU B 151 -4.90 -4.46 19.63
C LEU B 151 -6.30 -4.47 19.05
N LEU B 152 -7.12 -3.49 19.44
CA LEU B 152 -8.50 -3.41 18.97
C LEU B 152 -8.82 -2.10 18.26
N ASN B 153 -7.80 -1.44 17.73
CA ASN B 153 -7.96 -0.15 17.06
C ASN B 153 -8.17 -0.18 15.55
N THR B 154 -8.15 -1.38 14.96
CA THR B 154 -8.35 -1.52 13.53
C THR B 154 -9.13 -2.80 13.23
N ILE B 155 -10.23 -2.65 12.48
CA ILE B 155 -11.05 -3.80 12.13
C ILE B 155 -11.26 -3.84 10.62
N PRO B 156 -11.81 -4.97 10.12
CA PRO B 156 -12.07 -5.11 8.68
C PRO B 156 -13.16 -4.13 8.24
N LEU B 157 -13.16 -3.75 6.96
CA LEU B 157 -14.18 -2.84 6.48
C LEU B 157 -15.53 -3.50 6.63
N GLU B 158 -15.58 -4.80 6.36
CA GLU B 158 -16.81 -5.57 6.47
C GLU B 158 -17.08 -6.05 7.90
N GLY B 159 -16.31 -5.53 8.86
CA GLY B 159 -16.49 -5.89 10.26
C GLY B 159 -15.94 -7.24 10.68
N LEU B 160 -16.14 -7.57 11.97
CA LEU B 160 -15.67 -8.83 12.55
C LEU B 160 -16.80 -9.83 12.72
N ARG B 161 -16.44 -11.10 12.82
CA ARG B 161 -17.44 -12.16 13.01
C ARG B 161 -18.15 -11.92 14.34
N SER B 162 -17.37 -11.78 15.41
CA SER B 162 -17.89 -11.54 16.74
C SER B 162 -17.96 -10.03 16.95
N GLN B 163 -18.59 -9.34 16.00
CA GLN B 163 -18.68 -7.89 16.08
C GLN B 163 -19.30 -7.39 17.38
N THR B 164 -20.33 -8.10 17.84
CA THR B 164 -21.00 -7.71 19.08
C THR B 164 -20.04 -7.83 20.27
N GLN B 165 -19.55 -9.03 20.51
CA GLN B 165 -18.63 -9.26 21.63
C GLN B 165 -17.44 -8.30 21.57
N PHE B 166 -16.87 -8.08 20.38
CA PHE B 166 -15.74 -7.16 20.22
C PHE B 166 -16.16 -5.76 20.58
N GLU B 167 -17.35 -5.38 20.12
CA GLU B 167 -17.86 -4.05 20.41
C GLU B 167 -17.95 -3.87 21.92
N GLU B 168 -18.18 -4.96 22.64
CA GLU B 168 -18.29 -4.93 24.10
C GLU B 168 -16.94 -4.92 24.81
N MET B 169 -16.00 -5.70 24.29
CA MET B 169 -14.67 -5.80 24.88
C MET B 169 -13.92 -4.48 24.80
N ARG B 170 -13.96 -3.85 23.63
CA ARG B 170 -13.26 -2.59 23.43
C ARG B 170 -13.92 -1.50 24.28
N SER B 171 -15.26 -1.49 24.28
CA SER B 171 -16.02 -0.51 25.05
C SER B 171 -15.62 -0.57 26.52
N SER B 172 -15.45 -1.80 27.01
CA SER B 172 -15.07 -2.04 28.40
C SER B 172 -13.64 -1.63 28.70
N TYR B 173 -12.75 -1.79 27.73
CA TYR B 173 -11.36 -1.40 27.94
C TYR B 173 -11.20 0.11 27.86
N ILE B 174 -12.07 0.76 27.10
CA ILE B 174 -12.03 2.21 26.98
C ILE B 174 -12.43 2.72 28.36
N ARG B 175 -13.52 2.15 28.89
CA ARG B 175 -14.00 2.54 30.22
C ARG B 175 -12.93 2.26 31.26
N GLU B 176 -12.07 1.29 31.00
CA GLU B 176 -11.00 0.95 31.94
C GLU B 176 -9.84 1.94 31.86
N LEU B 177 -9.71 2.62 30.73
CA LEU B 177 -8.66 3.61 30.55
C LEU B 177 -9.01 4.82 31.40
N ILE B 178 -10.32 5.09 31.49
CA ILE B 178 -10.82 6.20 32.27
C ILE B 178 -10.50 5.98 33.75
N LYS B 179 -10.58 4.72 34.18
CA LYS B 179 -10.26 4.38 35.56
C LYS B 179 -8.77 4.63 35.80
N ALA B 180 -7.95 4.29 34.81
CA ALA B 180 -6.51 4.48 34.89
C ALA B 180 -6.17 5.95 35.06
N ILE B 181 -6.94 6.81 34.41
CA ILE B 181 -6.76 8.25 34.47
C ILE B 181 -7.24 8.77 35.83
N GLY B 182 -8.32 8.17 36.32
CA GLY B 182 -8.88 8.57 37.60
C GLY B 182 -7.95 8.37 38.78
N LEU B 183 -6.88 7.61 38.58
CA LEU B 183 -5.92 7.36 39.65
C LEU B 183 -5.08 8.61 39.88
N ARG B 184 -5.22 9.57 38.98
CA ARG B 184 -4.48 10.82 39.06
C ARG B 184 -5.31 12.00 38.57
N GLN B 185 -5.30 12.26 37.26
CA GLN B 185 -6.07 13.37 36.71
C GLN B 185 -7.56 13.05 36.67
N GLY B 187 -8.96 15.49 38.76
CA GLY B 187 -9.97 14.86 39.58
C GLY B 187 -11.33 14.83 38.91
N VAL B 188 -11.66 15.91 38.20
CA VAL B 188 -12.94 16.01 37.51
C VAL B 188 -12.80 16.72 36.16
N VAL B 189 -11.91 17.71 36.11
CA VAL B 189 -11.67 18.47 34.88
C VAL B 189 -10.35 18.04 34.24
N SER B 190 -9.32 17.85 35.07
CA SER B 190 -8.01 17.43 34.61
C SER B 190 -8.09 16.03 34.02
N SER B 191 -9.18 15.33 34.33
CA SER B 191 -9.40 13.98 33.83
C SER B 191 -10.08 14.03 32.47
N SER B 192 -11.16 14.79 32.38
CA SER B 192 -11.88 14.93 31.12
C SER B 192 -11.00 15.56 30.06
N GLN B 193 -9.86 16.09 30.49
CA GLN B 193 -8.91 16.72 29.58
C GLN B 193 -7.89 15.70 29.07
N ARG B 194 -7.44 14.82 29.95
CA ARG B 194 -6.46 13.80 29.59
C ARG B 194 -7.08 12.68 28.76
N PHE B 195 -8.41 12.60 28.76
CA PHE B 195 -9.08 11.57 27.98
C PHE B 195 -8.94 11.91 26.51
N TYR B 196 -8.74 13.20 26.22
CA TYR B 196 -8.60 13.65 24.84
C TYR B 196 -7.18 13.40 24.34
N GLN B 197 -6.20 13.97 25.03
CA GLN B 197 -4.79 13.83 24.64
C GLN B 197 -4.33 12.37 24.48
N LEU B 198 -4.62 11.53 25.46
CA LEU B 198 -4.21 10.13 25.40
C LEU B 198 -4.83 9.41 24.19
N THR B 199 -6.11 9.63 23.96
CA THR B 199 -6.81 9.00 22.84
C THR B 199 -6.42 9.67 21.52
N LYS B 200 -5.77 10.83 21.63
CA LYS B 200 -5.31 11.56 20.45
C LYS B 200 -4.00 10.92 20.05
N LEU B 201 -3.27 10.44 21.05
CA LEU B 201 -1.99 9.79 20.82
C LEU B 201 -2.26 8.52 20.01
N LEU B 202 -3.24 7.75 20.45
CA LEU B 202 -3.60 6.51 19.76
C LEU B 202 -4.04 6.82 18.34
N ASP B 203 -4.74 7.93 18.18
CA ASP B 203 -5.21 8.34 16.86
C ASP B 203 -4.04 8.67 15.94
N ASN B 204 -3.03 9.38 16.46
CA ASN B 204 -1.87 9.74 15.66
C ASN B 204 -0.99 8.55 15.29
N LEU B 205 -1.00 7.51 16.13
CA LEU B 205 -0.19 6.34 15.88
C LEU B 205 -0.50 5.71 14.53
N HIS B 206 -1.74 5.85 14.07
CA HIS B 206 -2.13 5.26 12.80
C HIS B 206 -1.22 5.72 11.66
N ASP B 207 -0.96 7.02 11.60
CA ASP B 207 -0.11 7.58 10.54
C ASP B 207 1.36 7.24 10.72
N LEU B 208 1.83 7.22 11.97
CA LEU B 208 3.23 6.91 12.23
C LEU B 208 3.51 5.47 11.85
N VAL B 209 2.56 4.58 12.13
CA VAL B 209 2.68 3.17 11.82
C VAL B 209 2.65 2.96 10.31
N LYS B 210 1.86 3.76 9.61
CA LYS B 210 1.77 3.62 8.17
C LYS B 210 3.14 3.91 7.55
N GLN B 211 3.92 4.77 8.20
CA GLN B 211 5.25 5.09 7.70
C GLN B 211 6.13 3.84 7.83
N LEU B 212 6.01 3.18 8.98
CA LEU B 212 6.78 1.96 9.27
C LEU B 212 6.37 0.78 8.39
N HIS B 213 5.08 0.70 8.07
CA HIS B 213 4.55 -0.36 7.23
C HIS B 213 5.18 -0.36 5.84
N LEU B 214 5.13 0.79 5.18
CA LEU B 214 5.70 0.92 3.83
C LEU B 214 7.17 0.50 3.82
N TYR B 215 7.92 0.93 4.81
CA TYR B 215 9.33 0.57 4.88
C TYR B 215 9.45 -0.93 5.11
N CYS B 216 8.60 -1.45 5.98
CA CYS B 216 8.59 -2.88 6.28
C CYS B 216 8.35 -3.70 5.02
N LEU B 217 7.30 -3.33 4.29
CA LEU B 217 6.93 -4.03 3.05
C LEU B 217 7.98 -3.92 1.95
N ASN B 218 8.56 -2.74 1.78
CA ASN B 218 9.59 -2.59 0.74
C ASN B 218 10.80 -3.43 1.13
N THR B 219 11.11 -3.47 2.42
CA THR B 219 12.23 -4.24 2.89
C THR B 219 11.90 -5.72 2.74
N PHE B 220 10.63 -6.05 2.93
CA PHE B 220 10.18 -7.43 2.81
C PHE B 220 10.28 -7.90 1.35
N ILE B 221 9.93 -7.00 0.43
CA ILE B 221 9.98 -7.30 -0.99
C ILE B 221 11.41 -7.40 -1.55
N GLN B 222 12.34 -6.69 -0.93
CA GLN B 222 13.74 -6.67 -1.39
C GLN B 222 14.70 -7.48 -0.51
N SER B 223 14.13 -8.37 0.31
CA SER B 223 14.90 -9.21 1.22
C SER B 223 16.15 -9.88 0.67
N ARG B 224 15.99 -10.63 -0.42
CA ARG B 224 17.09 -11.36 -1.05
C ARG B 224 18.27 -10.44 -1.40
N ALA B 225 18.00 -9.43 -2.20
CA ALA B 225 19.03 -8.47 -2.62
C ALA B 225 19.65 -7.79 -1.41
N LEU B 226 18.80 -7.36 -0.50
CA LEU B 226 19.23 -6.66 0.71
C LEU B 226 19.85 -7.62 1.72
N SER B 227 19.65 -8.92 1.50
CA SER B 227 20.16 -9.95 2.39
C SER B 227 19.64 -9.76 3.81
N VAL B 228 18.32 -9.62 3.91
CA VAL B 228 17.66 -9.44 5.20
C VAL B 228 16.76 -10.64 5.48
N GLU B 229 16.94 -11.25 6.64
CA GLU B 229 16.14 -12.41 7.00
C GLU B 229 14.86 -12.03 7.75
N PHE B 230 13.75 -12.58 7.27
CA PHE B 230 12.45 -12.37 7.89
C PHE B 230 12.02 -13.74 8.41
N PRO B 231 11.85 -13.88 9.72
CA PRO B 231 11.45 -15.16 10.31
C PRO B 231 10.05 -15.61 9.86
N GLU B 232 9.71 -16.84 10.23
CA GLU B 232 8.44 -17.46 9.88
C GLU B 232 7.14 -16.67 10.08
N MET B 233 6.77 -16.42 11.33
CA MET B 233 5.53 -15.70 11.64
C MET B 233 5.51 -14.25 11.15
N MET B 234 6.65 -13.58 11.25
CA MET B 234 6.74 -12.19 10.81
C MET B 234 6.41 -12.17 9.32
N SER B 235 6.90 -13.16 8.59
CA SER B 235 6.65 -13.24 7.15
C SER B 235 5.17 -13.47 6.88
N GLU B 236 4.53 -14.29 7.71
CA GLU B 236 3.12 -14.59 7.52
C GLU B 236 2.18 -13.42 7.77
N VAL B 237 2.50 -12.57 8.75
CA VAL B 237 1.65 -11.44 9.06
C VAL B 237 1.76 -10.32 8.03
N ILE B 238 2.96 -10.17 7.45
CA ILE B 238 3.21 -9.15 6.44
C ILE B 238 2.48 -9.59 5.17
N ALA B 239 2.76 -10.82 4.76
CA ALA B 239 2.16 -11.40 3.57
C ALA B 239 0.64 -11.42 3.63
N ALA B 240 0.09 -11.59 4.82
CA ALA B 240 -1.35 -11.68 4.99
C ALA B 240 -2.16 -10.39 4.98
N GLN B 241 -1.60 -9.28 5.44
CA GLN B 241 -2.39 -8.05 5.50
C GLN B 241 -1.70 -6.74 5.14
N LEU B 242 -0.37 -6.73 5.09
CA LEU B 242 0.33 -5.50 4.79
C LEU B 242 -0.09 -4.83 3.49
N PRO B 243 -0.09 -5.56 2.37
CA PRO B 243 -0.52 -4.85 1.16
C PRO B 243 -1.89 -4.20 1.40
N LYS B 244 -2.84 -5.01 1.86
CA LYS B 244 -4.18 -4.54 2.14
C LYS B 244 -4.21 -3.33 3.09
N ILE B 245 -3.43 -3.39 4.18
CA ILE B 245 -3.40 -2.29 5.13
C ILE B 245 -2.95 -0.97 4.49
N LEU B 246 -1.79 -0.99 3.83
CA LEU B 246 -1.27 0.21 3.19
C LEU B 246 -2.24 0.72 2.12
N ALA B 247 -2.89 -0.20 1.43
CA ALA B 247 -3.84 0.16 0.39
C ALA B 247 -5.00 0.93 1.01
N GLY B 248 -5.20 0.77 2.31
CA GLY B 248 -6.29 1.45 2.99
C GLY B 248 -7.59 0.66 2.93
N MET B 249 -7.48 -0.64 2.71
CA MET B 249 -8.65 -1.51 2.64
C MET B 249 -9.01 -2.12 4.01
N VAL B 250 -9.00 -1.28 5.04
CA VAL B 250 -9.33 -1.68 6.40
C VAL B 250 -9.92 -0.47 7.11
N LYS B 251 -10.50 -0.66 8.28
CA LYS B 251 -11.10 0.46 8.99
C LYS B 251 -10.44 0.85 10.30
N PRO B 252 -9.63 1.91 10.28
CA PRO B 252 -8.97 2.36 11.51
C PRO B 252 -10.05 2.94 12.39
N LEU B 253 -9.84 2.91 13.70
CA LEU B 253 -10.81 3.46 14.62
C LEU B 253 -10.20 4.69 15.27
N LEU B 254 -10.86 5.84 15.11
CA LEU B 254 -10.35 7.07 15.69
C LEU B 254 -11.34 7.61 16.72
N PHE B 255 -10.81 8.16 17.80
CA PHE B 255 -11.65 8.72 18.85
C PHE B 255 -12.02 10.15 18.50
N HIS B 256 -11.48 10.64 17.39
CA HIS B 256 -11.76 12.00 16.94
C HIS B 256 -11.90 11.99 15.42
N LYS B 257 -13.09 11.63 14.94
CA LYS B 257 -13.35 11.56 13.50
C LYS B 257 -13.22 12.92 12.83
#